data_8ACC
#
_entry.id   8ACC
#
_cell.length_a   1.00
_cell.length_b   1.00
_cell.length_c   1.00
_cell.angle_alpha   90.00
_cell.angle_beta   90.00
_cell.angle_gamma   90.00
#
_symmetry.space_group_name_H-M   'P 1'
#
loop_
_entity.id
_entity.type
_entity.pdbx_description
1 polymer Polyprotein
2 polymer 'Single-stranded RNA'
#
loop_
_entity_poly.entity_id
_entity_poly.type
_entity_poly.pdbx_seq_one_letter_code
_entity_poly.pdbx_strand_id
1 'polypeptide(L)'
;ASTSKTIEELQQEMEDLDADTTITVVQRETQKARIREQIETLRAQQMVRPSEAQLQPDVTPTQIVTFEPPRVTGFGALWI
PRQQRNYMTTAYIEKIKAYVPHSNLIESGLASEAQLTSWIENTCRDYQVSMDVFMTTVLPAWIVNCIINGTSQERTNEHT
WRAVIMANMEDQEVLYYPIKPIIVNAQPTLRQVMRHFGEQAVAQYMNSLQAGKPFTVKGAVTAGYANVQDAWLGIDFLRD
TMQLTTKQMEVKHQIIAANVTRRKIRVFALAAPGDGDELDTERHVVDDVARGRHSLRGAQLD
;
A
2 'polyribonucleotide' UUUUU B
#
loop_
_chem_comp.id
_chem_comp.type
_chem_comp.name
_chem_comp.formula
U RNA linking URIDINE-5'-MONOPHOSPHATE 'C9 H13 N2 O9 P'
#
# COMPACT_ATOMS: atom_id res chain seq x y z
N VAL A 65 -46.29 30.36 -20.02
CA VAL A 65 -45.10 30.52 -19.19
C VAL A 65 -43.83 30.48 -20.04
N THR A 66 -43.68 31.48 -20.91
CA THR A 66 -42.48 31.56 -21.74
C THR A 66 -41.23 31.74 -20.88
N PHE A 67 -41.32 32.63 -19.88
CA PHE A 67 -40.24 32.83 -18.94
C PHE A 67 -40.62 32.24 -17.59
N GLU A 68 -39.69 31.48 -17.01
CA GLU A 68 -39.94 30.76 -15.77
C GLU A 68 -38.91 31.12 -14.70
N PRO A 69 -38.64 32.42 -14.57
CA PRO A 69 -37.70 32.95 -13.57
C PRO A 69 -36.32 32.32 -13.70
N PRO A 70 -35.49 32.50 -12.67
CA PRO A 70 -34.16 31.91 -12.66
C PRO A 70 -33.76 31.24 -11.36
N ARG A 71 -34.49 31.46 -10.26
CA ARG A 71 -34.16 30.88 -8.96
C ARG A 71 -32.70 31.07 -8.59
N VAL A 72 -31.95 29.98 -8.53
CA VAL A 72 -30.51 30.00 -8.23
C VAL A 72 -30.21 30.71 -6.92
N THR A 73 -31.16 30.65 -5.98
CA THR A 73 -30.96 31.28 -4.68
C THR A 73 -30.04 30.47 -3.79
N GLY A 74 -29.98 29.15 -4.01
CA GLY A 74 -29.19 28.24 -3.20
C GLY A 74 -29.55 28.33 -1.72
N PHE A 75 -28.66 27.86 -0.85
CA PHE A 75 -28.90 27.84 0.59
C PHE A 75 -30.28 27.30 0.93
N GLY A 76 -31.17 28.19 1.38
CA GLY A 76 -32.56 27.85 1.68
C GLY A 76 -32.67 26.67 2.64
N ALA A 77 -32.90 25.48 2.09
CA ALA A 77 -33.06 24.29 2.92
C ALA A 77 -31.78 23.96 3.67
N LEU A 78 -30.63 24.12 3.02
CA LEU A 78 -29.35 23.78 3.63
C LEU A 78 -29.13 24.61 4.90
N TRP A 79 -29.08 23.93 6.04
CA TRP A 79 -28.86 24.62 7.30
C TRP A 79 -27.44 25.16 7.38
N ILE A 80 -27.32 26.40 7.85
CA ILE A 80 -26.05 27.10 7.90
C ILE A 80 -25.78 27.50 9.35
N PRO A 81 -24.64 27.12 9.93
CA PRO A 81 -24.33 27.56 11.29
C PRO A 81 -24.18 29.07 11.36
N ARG A 82 -24.54 29.62 12.52
CA ARG A 82 -24.55 31.08 12.67
C ARG A 82 -23.16 31.68 12.48
N GLN A 83 -22.11 30.95 12.83
CA GLN A 83 -20.76 31.45 12.65
C GLN A 83 -20.37 31.56 11.19
N GLN A 84 -21.05 30.84 10.29
CA GLN A 84 -20.70 30.82 8.88
C GLN A 84 -21.65 31.62 8.00
N ARG A 85 -22.71 32.20 8.57
CA ARG A 85 -23.70 32.91 7.75
C ARG A 85 -23.10 34.17 7.11
N ASN A 86 -22.09 34.77 7.75
CA ASN A 86 -21.46 35.96 7.20
C ASN A 86 -20.55 35.66 6.03
N TYR A 87 -20.13 34.39 5.86
CA TYR A 87 -19.26 34.00 4.76
C TYR A 87 -19.92 33.03 3.79
N MET A 88 -21.13 32.57 4.07
CA MET A 88 -21.79 31.56 3.23
C MET A 88 -22.64 32.26 2.16
N THR A 89 -21.96 33.03 1.32
CA THR A 89 -22.62 33.87 0.33
C THR A 89 -22.80 33.12 -0.99
N THR A 90 -23.56 33.74 -1.89
CA THR A 90 -23.77 33.16 -3.22
C THR A 90 -22.46 33.09 -4.00
N ALA A 91 -21.65 34.14 -3.92
CA ALA A 91 -20.35 34.13 -4.59
C ALA A 91 -19.43 33.06 -4.00
N TYR A 92 -19.65 32.70 -2.74
CA TYR A 92 -18.88 31.63 -2.13
C TYR A 92 -19.24 30.27 -2.71
N ILE A 93 -20.47 30.12 -3.20
CA ILE A 93 -20.89 28.85 -3.80
C ILE A 93 -20.07 28.56 -5.05
N GLU A 94 -19.91 29.56 -5.92
CA GLU A 94 -19.17 29.35 -7.15
C GLU A 94 -17.69 29.15 -6.90
N LYS A 95 -17.17 29.72 -5.81
CA LYS A 95 -15.74 29.58 -5.51
C LYS A 95 -15.39 28.15 -5.13
N ILE A 96 -16.26 27.48 -4.38
CA ILE A 96 -15.98 26.12 -3.95
C ILE A 96 -16.38 25.09 -5.00
N LYS A 97 -17.20 25.46 -5.97
CA LYS A 97 -17.55 24.53 -7.04
C LYS A 97 -16.35 24.17 -7.90
N ALA A 98 -15.34 25.05 -7.97
CA ALA A 98 -14.13 24.74 -8.70
C ALA A 98 -13.22 23.77 -7.96
N TYR A 99 -13.38 23.64 -6.65
CA TYR A 99 -12.55 22.75 -5.84
C TYR A 99 -13.14 21.34 -5.90
N VAL A 100 -12.80 20.63 -6.97
CA VAL A 100 -13.17 19.22 -7.12
C VAL A 100 -11.89 18.45 -7.42
N PRO A 101 -11.05 18.18 -6.43
CA PRO A 101 -9.81 17.43 -6.68
C PRO A 101 -10.11 15.98 -6.98
N HIS A 102 -9.09 15.29 -7.48
CA HIS A 102 -9.22 13.86 -7.74
C HIS A 102 -9.49 13.11 -6.45
N SER A 103 -10.38 12.13 -6.52
CA SER A 103 -10.76 11.33 -5.37
C SER A 103 -9.71 10.28 -5.01
N ASN A 104 -8.51 10.42 -5.55
CA ASN A 104 -7.43 9.48 -5.28
C ASN A 104 -6.18 10.21 -4.78
N LEU A 105 -6.30 11.50 -4.47
CA LEU A 105 -5.17 12.31 -4.03
C LEU A 105 -5.37 12.88 -2.62
N ILE A 106 -6.53 12.65 -2.00
CA ILE A 106 -6.84 13.22 -0.71
C ILE A 106 -6.90 12.17 0.40
N GLU A 107 -7.37 10.96 0.11
CA GLU A 107 -7.57 9.95 1.13
C GLU A 107 -6.24 9.52 1.75
N SER A 108 -6.31 9.09 3.01
CA SER A 108 -5.15 8.62 3.75
C SER A 108 -4.75 7.20 3.38
N GLY A 109 -5.53 6.52 2.53
CA GLY A 109 -5.20 5.17 2.13
C GLY A 109 -4.03 5.07 1.17
N LEU A 110 -3.55 6.20 0.66
CA LEU A 110 -2.40 6.21 -0.24
C LEU A 110 -1.33 7.14 0.31
N ALA A 111 -0.09 6.91 -0.13
CA ALA A 111 1.00 7.79 0.21
C ALA A 111 0.79 9.16 -0.43
N SER A 112 1.16 10.21 0.31
CA SER A 112 1.04 11.55 -0.21
C SER A 112 2.16 11.83 -1.22
N GLU A 113 2.01 12.95 -1.94
CA GLU A 113 3.00 13.31 -2.95
C GLU A 113 4.37 13.55 -2.34
N ALA A 114 4.42 14.11 -1.13
CA ALA A 114 5.70 14.36 -0.47
C ALA A 114 6.44 13.06 -0.17
N GLN A 115 5.71 12.04 0.27
CA GLN A 115 6.32 10.77 0.62
C GLN A 115 6.30 9.75 -0.52
N LEU A 116 5.58 10.04 -1.61
CA LEU A 116 5.72 9.23 -2.81
C LEU A 116 7.05 9.53 -3.51
N THR A 117 7.37 10.81 -3.67
CA THR A 117 8.64 11.18 -4.27
C THR A 117 9.81 10.81 -3.36
N SER A 118 9.58 10.76 -2.04
CA SER A 118 10.61 10.27 -1.14
C SER A 118 10.91 8.80 -1.41
N TRP A 119 9.87 8.00 -1.62
CA TRP A 119 10.07 6.59 -1.98
C TRP A 119 10.79 6.47 -3.32
N ILE A 120 10.41 7.30 -4.28
CA ILE A 120 11.03 7.22 -5.61
C ILE A 120 12.52 7.58 -5.52
N GLU A 121 12.85 8.64 -4.78
CA GLU A 121 14.24 9.11 -4.73
C GLU A 121 15.10 8.20 -3.88
N ASN A 122 14.59 7.70 -2.76
CA ASN A 122 15.40 6.88 -1.87
C ASN A 122 15.77 5.55 -2.53
N THR A 123 14.83 4.91 -3.22
CA THR A 123 15.08 3.59 -3.77
C THR A 123 15.97 3.65 -5.02
N CYS A 124 15.91 4.73 -5.79
CA CYS A 124 16.79 4.84 -6.95
C CYS A 124 18.23 5.16 -6.54
N ARG A 125 18.41 5.90 -5.45
CA ARG A 125 19.74 6.11 -4.91
C ARG A 125 20.36 4.81 -4.42
N ASP A 126 19.56 3.96 -3.76
CA ASP A 126 20.05 2.67 -3.30
C ASP A 126 20.43 1.78 -4.47
N TYR A 127 19.63 1.77 -5.54
CA TYR A 127 19.95 1.01 -6.74
C TYR A 127 21.02 1.68 -7.59
N GLN A 128 21.41 2.91 -7.26
CA GLN A 128 22.41 3.66 -8.03
C GLN A 128 22.00 3.78 -9.49
N VAL A 129 20.72 4.06 -9.72
CA VAL A 129 20.18 4.27 -11.05
C VAL A 129 19.47 5.61 -11.10
N SER A 130 19.39 6.17 -12.29
CA SER A 130 18.75 7.47 -12.47
C SER A 130 17.24 7.35 -12.31
N MET A 131 16.61 8.48 -11.98
CA MET A 131 15.15 8.51 -11.87
C MET A 131 14.49 8.27 -13.22
N ASP A 132 15.12 8.71 -14.32
CA ASP A 132 14.55 8.50 -15.64
C ASP A 132 14.47 7.02 -15.98
N VAL A 133 15.52 6.27 -15.67
CA VAL A 133 15.51 4.83 -15.96
C VAL A 133 14.70 4.06 -14.91
N PHE A 134 14.55 4.60 -13.70
CA PHE A 134 13.72 3.94 -12.70
C PHE A 134 12.24 3.99 -13.09
N MET A 135 11.76 5.17 -13.49
CA MET A 135 10.34 5.33 -13.81
C MET A 135 9.96 4.65 -15.12
N THR A 136 10.94 4.26 -15.93
CA THR A 136 10.68 3.70 -17.26
C THR A 136 10.93 2.20 -17.34
N THR A 137 12.03 1.71 -16.76
CA THR A 137 12.44 0.32 -16.94
C THR A 137 12.01 -0.58 -15.79
N VAL A 138 12.40 -0.25 -14.56
CA VAL A 138 12.18 -1.15 -13.44
C VAL A 138 10.83 -0.95 -12.77
N LEU A 139 10.21 0.24 -12.90
CA LEU A 139 8.89 0.44 -12.32
C LEU A 139 7.83 -0.47 -12.92
N PRO A 140 7.70 -0.62 -14.25
CA PRO A 140 6.76 -1.64 -14.76
C PRO A 140 7.10 -3.05 -14.32
N ALA A 141 8.39 -3.37 -14.22
CA ALA A 141 8.78 -4.69 -13.71
C ALA A 141 8.33 -4.87 -12.27
N TRP A 142 8.49 -3.84 -11.45
CA TRP A 142 8.04 -3.93 -10.06
C TRP A 142 6.53 -4.06 -9.98
N ILE A 143 5.80 -3.35 -10.84
CA ILE A 143 4.34 -3.47 -10.86
C ILE A 143 3.93 -4.88 -11.25
N VAL A 144 4.60 -5.45 -12.26
CA VAL A 144 4.30 -6.82 -12.67
C VAL A 144 4.58 -7.79 -11.53
N ASN A 145 5.70 -7.62 -10.84
CA ASN A 145 6.05 -8.51 -9.74
C ASN A 145 5.03 -8.39 -8.61
N CYS A 146 4.58 -7.17 -8.31
CA CYS A 146 3.55 -6.98 -7.30
C CYS A 146 2.20 -7.53 -7.75
N ILE A 147 1.97 -7.64 -9.06
CA ILE A 147 0.79 -8.33 -9.54
C ILE A 147 0.92 -9.83 -9.30
N ILE A 148 2.09 -10.40 -9.58
CA ILE A 148 2.31 -11.83 -9.40
C ILE A 148 2.31 -12.18 -7.92
N ASN A 149 3.24 -11.61 -7.16
CA ASN A 149 3.34 -11.83 -5.73
C ASN A 149 2.80 -10.61 -4.98
N GLY A 150 2.26 -10.86 -3.79
CA GLY A 150 1.60 -9.81 -3.04
C GLY A 150 2.57 -8.70 -2.63
N THR A 151 1.99 -7.64 -2.06
CA THR A 151 2.73 -6.46 -1.63
C THR A 151 2.85 -6.37 -0.11
N SER A 152 2.85 -7.50 0.58
CA SER A 152 2.95 -7.49 2.03
C SER A 152 4.34 -7.05 2.49
N GLN A 153 4.38 -6.47 3.69
CA GLN A 153 5.65 -5.99 4.24
C GLN A 153 6.62 -7.14 4.47
N GLU A 154 6.13 -8.27 4.98
CA GLU A 154 6.99 -9.39 5.34
C GLU A 154 7.41 -10.21 4.13
N ARG A 155 7.29 -9.66 2.93
CA ARG A 155 7.91 -10.21 1.74
C ARG A 155 9.41 -9.97 1.70
N THR A 156 9.94 -9.17 2.64
CA THR A 156 11.37 -8.88 2.68
C THR A 156 12.20 -10.14 2.89
N ASN A 157 11.61 -11.20 3.45
CA ASN A 157 12.35 -12.43 3.67
C ASN A 157 12.77 -13.08 2.36
N GLU A 158 12.20 -12.68 1.23
CA GLU A 158 12.67 -13.16 -0.06
C GLU A 158 14.09 -12.71 -0.35
N HIS A 159 14.46 -11.52 0.13
CA HIS A 159 15.81 -10.98 0.06
C HIS A 159 16.16 -10.56 -1.37
N THR A 160 15.28 -10.87 -2.32
CA THR A 160 15.51 -10.54 -3.72
C THR A 160 14.21 -10.66 -4.51
N TRP A 161 13.90 -9.67 -5.33
CA TRP A 161 12.78 -9.72 -6.26
C TRP A 161 13.31 -9.75 -7.69
N ARG A 162 12.64 -10.54 -8.54
CA ARG A 162 13.17 -10.90 -9.84
C ARG A 162 12.52 -10.08 -10.95
N ALA A 163 13.33 -9.66 -11.92
CA ALA A 163 12.87 -9.04 -13.14
C ALA A 163 13.50 -9.78 -14.32
N VAL A 164 12.73 -9.95 -15.39
CA VAL A 164 13.13 -10.74 -16.54
C VAL A 164 13.24 -9.83 -17.75
N ILE A 165 14.37 -9.91 -18.45
CA ILE A 165 14.54 -9.18 -19.71
C ILE A 165 13.85 -9.96 -20.82
N MET A 166 13.05 -9.27 -21.62
CA MET A 166 12.22 -9.89 -22.64
C MET A 166 12.75 -9.50 -24.01
N ALA A 167 13.05 -10.49 -24.85
CA ALA A 167 13.54 -10.21 -26.20
C ALA A 167 12.37 -10.05 -27.18
N ASN A 168 11.59 -11.11 -27.37
CA ASN A 168 10.34 -11.02 -28.12
C ASN A 168 9.42 -12.10 -27.57
N MET A 169 8.61 -11.72 -26.57
CA MET A 169 7.70 -12.64 -25.89
C MET A 169 8.40 -13.94 -25.49
N GLU A 170 9.68 -13.84 -25.15
CA GLU A 170 10.47 -14.99 -24.77
C GLU A 170 11.53 -14.55 -23.77
N ASP A 171 11.57 -15.21 -22.61
CA ASP A 171 12.53 -14.85 -21.58
C ASP A 171 13.95 -15.18 -22.03
N GLN A 172 14.87 -14.26 -21.74
CA GLN A 172 16.28 -14.45 -22.05
C GLN A 172 17.15 -14.58 -20.82
N GLU A 173 16.90 -13.76 -19.79
CA GLU A 173 17.65 -13.84 -18.55
C GLU A 173 16.83 -13.17 -17.46
N VAL A 174 17.01 -13.63 -16.23
CA VAL A 174 16.32 -13.08 -15.06
C VAL A 174 17.30 -12.22 -14.28
N LEU A 175 16.88 -11.01 -13.94
CA LEU A 175 17.69 -10.08 -13.16
C LEU A 175 17.23 -10.07 -11.71
N TYR A 176 18.19 -9.89 -10.81
CA TYR A 176 17.94 -9.92 -9.37
C TYR A 176 18.19 -8.55 -8.78
N TYR A 177 17.21 -8.04 -8.04
CA TYR A 177 17.31 -6.78 -7.33
C TYR A 177 17.06 -6.99 -5.85
N PRO A 178 17.77 -6.29 -4.96
CA PRO A 178 17.48 -6.39 -3.54
C PRO A 178 16.07 -5.89 -3.23
N ILE A 179 15.39 -6.59 -2.33
CA ILE A 179 14.00 -6.26 -2.01
C ILE A 179 13.88 -5.36 -0.79
N LYS A 180 14.87 -5.36 0.10
CA LYS A 180 14.82 -4.45 1.26
C LYS A 180 14.88 -2.98 0.85
N PRO A 181 15.80 -2.54 -0.03
CA PRO A 181 15.85 -1.12 -0.38
C PRO A 181 14.64 -0.62 -1.16
N ILE A 182 13.64 -1.45 -1.43
CA ILE A 182 12.44 -1.01 -2.13
C ILE A 182 11.19 -1.11 -1.27
N ILE A 183 11.25 -1.77 -0.13
CA ILE A 183 10.11 -1.90 0.77
C ILE A 183 10.20 -0.93 1.94
N VAL A 184 11.36 -0.86 2.59
CA VAL A 184 11.51 -0.01 3.76
C VAL A 184 11.46 1.47 3.39
N ASN A 185 11.84 1.81 2.15
CA ASN A 185 11.83 3.21 1.76
C ASN A 185 10.41 3.74 1.55
N ALA A 186 9.42 2.86 1.40
CA ALA A 186 8.02 3.28 1.35
C ALA A 186 7.60 3.61 2.78
N GLN A 187 7.56 4.91 3.10
CA GLN A 187 7.33 5.32 4.49
C GLN A 187 5.97 4.86 5.02
N PRO A 188 4.83 5.14 4.37
CA PRO A 188 3.54 4.68 4.91
C PRO A 188 3.15 3.31 4.35
N THR A 189 4.02 2.32 4.56
CA THR A 189 3.86 0.95 4.08
C THR A 189 3.95 0.90 2.56
N LEU A 190 4.43 -0.22 2.01
CA LEU A 190 4.49 -0.34 0.56
C LEU A 190 3.12 -0.65 -0.04
N ARG A 191 2.17 -1.14 0.76
CA ARG A 191 0.84 -1.38 0.23
C ARG A 191 0.14 -0.09 -0.16
N GLN A 192 0.54 1.04 0.45
CA GLN A 192 -0.06 2.33 0.15
C GLN A 192 0.65 3.02 -1.01
N VAL A 193 1.98 2.89 -1.10
CA VAL A 193 2.70 3.56 -2.17
C VAL A 193 2.40 2.92 -3.51
N MET A 194 2.09 1.62 -3.53
CA MET A 194 1.74 0.94 -4.78
C MET A 194 0.29 1.14 -5.17
N ARG A 195 -0.55 1.69 -4.29
CA ARG A 195 -1.94 1.93 -4.64
C ARG A 195 -2.09 3.01 -5.70
N HIS A 196 -1.08 3.88 -5.85
CA HIS A 196 -1.10 4.86 -6.93
C HIS A 196 -1.03 4.19 -8.30
N PHE A 197 -0.43 3.00 -8.37
CA PHE A 197 -0.28 2.27 -9.61
C PHE A 197 -1.34 1.18 -9.77
N GLY A 198 -2.39 1.19 -8.94
CA GLY A 198 -3.43 0.20 -9.07
C GLY A 198 -4.17 0.30 -10.39
N GLU A 199 -4.42 1.52 -10.85
CA GLU A 199 -5.07 1.70 -12.14
C GLU A 199 -4.18 1.25 -13.29
N GLN A 200 -2.86 1.44 -13.15
CA GLN A 200 -1.93 0.98 -14.18
C GLN A 200 -1.74 -0.52 -14.15
N ALA A 201 -1.83 -1.13 -12.97
CA ALA A 201 -1.67 -2.58 -12.86
C ALA A 201 -2.78 -3.32 -13.59
N VAL A 202 -4.02 -2.82 -13.49
CA VAL A 202 -5.14 -3.45 -14.18
C VAL A 202 -4.94 -3.40 -15.69
N ALA A 203 -4.52 -2.24 -16.20
CA ALA A 203 -4.28 -2.11 -17.63
C ALA A 203 -3.16 -3.03 -18.10
N GLN A 204 -2.10 -3.14 -17.30
CA GLN A 204 -0.99 -4.01 -17.70
C GLN A 204 -1.38 -5.48 -17.64
N TYR A 205 -2.21 -5.85 -16.66
CA TYR A 205 -2.72 -7.22 -16.64
C TYR A 205 -3.62 -7.50 -17.84
N MET A 206 -4.43 -6.51 -18.23
CA MET A 206 -5.26 -6.68 -19.43
C MET A 206 -4.38 -6.84 -20.67
N ASN A 207 -3.29 -6.08 -20.75
CA ASN A 207 -2.36 -6.23 -21.86
C ASN A 207 -1.75 -7.62 -21.87
N SER A 208 -1.37 -8.14 -20.71
CA SER A 208 -0.85 -9.51 -20.62
C SER A 208 -1.91 -10.52 -21.05
N LEU A 209 -3.17 -10.27 -20.70
CA LEU A 209 -4.26 -11.13 -21.12
C LEU A 209 -4.40 -11.14 -22.63
N GLN A 210 -4.27 -9.97 -23.26
CA GLN A 210 -4.39 -9.90 -24.72
C GLN A 210 -3.25 -10.65 -25.42
N ALA A 211 -2.08 -10.72 -24.79
CA ALA A 211 -0.92 -11.39 -25.39
C ALA A 211 -1.02 -12.90 -25.35
N GLY A 212 -2.02 -13.46 -24.67
CA GLY A 212 -2.19 -14.89 -24.59
C GLY A 212 -1.49 -15.58 -23.44
N LYS A 213 -0.73 -14.85 -22.63
CA LYS A 213 -0.04 -15.40 -21.47
C LYS A 213 -0.40 -14.55 -20.26
N PRO A 214 -1.58 -14.78 -19.68
CA PRO A 214 -2.02 -13.95 -18.56
C PRO A 214 -1.16 -14.15 -17.32
N PHE A 215 -1.06 -13.09 -16.53
CA PHE A 215 -0.35 -13.15 -15.26
C PHE A 215 -1.14 -13.98 -14.25
N THR A 216 -0.44 -14.45 -13.22
CA THR A 216 -1.05 -15.21 -12.14
C THR A 216 -1.14 -14.31 -10.91
N VAL A 217 -2.36 -13.88 -10.60
CA VAL A 217 -2.58 -12.99 -9.46
C VAL A 217 -2.61 -13.83 -8.19
N LYS A 218 -1.76 -13.47 -7.22
CA LYS A 218 -1.70 -14.23 -5.98
C LYS A 218 -3.01 -14.14 -5.20
N GLY A 219 -3.60 -12.96 -5.15
CA GLY A 219 -4.83 -12.79 -4.39
C GLY A 219 -5.99 -13.60 -4.96
N ALA A 220 -6.16 -13.55 -6.28
CA ALA A 220 -7.26 -14.28 -6.90
C ALA A 220 -7.11 -15.78 -6.74
N VAL A 221 -5.89 -16.30 -6.93
CA VAL A 221 -5.67 -17.74 -6.78
C VAL A 221 -5.84 -18.17 -5.34
N THR A 222 -5.29 -17.39 -4.39
CA THR A 222 -5.39 -17.74 -2.98
C THR A 222 -6.84 -17.72 -2.51
N ALA A 223 -7.61 -16.72 -2.94
CA ALA A 223 -9.00 -16.63 -2.52
C ALA A 223 -9.90 -17.67 -3.18
N GLY A 224 -9.40 -18.38 -4.19
CA GLY A 224 -10.20 -19.37 -4.88
C GLY A 224 -10.89 -18.88 -6.13
N TYR A 225 -10.53 -17.71 -6.64
CA TYR A 225 -11.15 -17.15 -7.83
C TYR A 225 -10.37 -17.61 -9.05
N ALA A 226 -10.94 -18.52 -9.83
CA ALA A 226 -10.27 -19.11 -10.98
C ALA A 226 -10.67 -18.46 -12.30
N ASN A 227 -11.44 -17.38 -12.26
CA ASN A 227 -11.87 -16.70 -13.47
C ASN A 227 -10.70 -15.87 -14.00
N VAL A 228 -10.19 -16.23 -15.18
CA VAL A 228 -9.04 -15.52 -15.75
C VAL A 228 -9.46 -14.25 -16.48
N GLN A 229 -10.72 -14.16 -16.93
CA GLN A 229 -11.15 -12.98 -17.67
C GLN A 229 -11.09 -11.73 -16.80
N ASP A 230 -11.47 -11.85 -15.53
CA ASP A 230 -11.41 -10.75 -14.57
C ASP A 230 -10.68 -11.18 -13.31
N ALA A 231 -9.52 -11.83 -13.50
CA ALA A 231 -8.70 -12.26 -12.37
C ALA A 231 -8.12 -11.10 -11.58
N TRP A 232 -8.20 -9.88 -12.10
CA TRP A 232 -7.92 -8.69 -11.30
C TRP A 232 -9.07 -8.53 -10.30
N LEU A 233 -9.03 -7.44 -9.53
CA LEU A 233 -9.83 -7.23 -8.33
C LEU A 233 -9.26 -8.09 -7.21
N GLY A 234 -8.30 -8.95 -7.55
CA GLY A 234 -7.45 -9.63 -6.61
C GLY A 234 -6.11 -8.98 -6.42
N ILE A 235 -5.89 -7.85 -7.11
CA ILE A 235 -4.65 -7.10 -6.94
C ILE A 235 -4.56 -6.58 -5.52
N ASP A 236 -3.40 -6.76 -4.90
CA ASP A 236 -3.23 -6.42 -3.49
C ASP A 236 -3.31 -4.92 -3.22
N PHE A 237 -3.16 -4.08 -4.23
CA PHE A 237 -3.04 -2.64 -4.03
C PHE A 237 -4.08 -1.88 -4.83
N LEU A 238 -5.34 -2.32 -4.72
CA LEU A 238 -6.48 -1.59 -5.27
C LEU A 238 -7.25 -0.97 -4.11
N ARG A 239 -7.36 0.36 -4.12
CA ARG A 239 -8.04 1.10 -3.07
C ARG A 239 -9.55 1.21 -3.32
N ASP A 240 -10.02 0.74 -4.48
CA ASP A 240 -11.42 0.83 -4.87
C ASP A 240 -11.90 2.26 -5.04
N THR A 241 -10.97 3.20 -5.19
CA THR A 241 -11.36 4.57 -5.53
C THR A 241 -11.91 4.66 -6.94
N MET A 242 -11.53 3.72 -7.80
CA MET A 242 -12.13 3.64 -9.13
C MET A 242 -13.60 3.27 -9.03
N GLN A 243 -14.38 3.74 -10.00
CA GLN A 243 -15.83 3.54 -9.97
C GLN A 243 -16.14 2.09 -10.32
N LEU A 244 -15.95 1.21 -9.32
CA LEU A 244 -16.30 -0.19 -9.48
C LEU A 244 -17.80 -0.39 -9.37
N THR A 245 -18.35 -1.16 -10.31
CA THR A 245 -19.79 -1.43 -10.28
C THR A 245 -20.10 -2.42 -9.15
N THR A 246 -21.39 -2.52 -8.84
CA THR A 246 -21.82 -3.35 -7.72
C THR A 246 -21.58 -4.83 -7.95
N LYS A 247 -21.40 -5.25 -9.20
CA LYS A 247 -21.12 -6.66 -9.48
C LYS A 247 -19.65 -7.00 -9.29
N GLN A 248 -18.75 -6.00 -9.36
CA GLN A 248 -17.35 -6.21 -9.03
C GLN A 248 -17.03 -5.86 -7.59
N MET A 249 -17.91 -5.12 -6.91
CA MET A 249 -17.67 -4.74 -5.53
C MET A 249 -17.57 -5.97 -4.63
N GLU A 250 -18.48 -6.92 -4.79
CA GLU A 250 -18.45 -8.11 -3.94
C GLU A 250 -17.37 -9.10 -4.38
N VAL A 251 -17.08 -9.17 -5.68
CA VAL A 251 -15.99 -10.05 -6.13
C VAL A 251 -14.66 -9.58 -5.57
N LYS A 252 -14.41 -8.27 -5.60
CA LYS A 252 -13.21 -7.73 -4.99
C LYS A 252 -13.21 -7.93 -3.48
N HIS A 253 -14.37 -7.73 -2.84
CA HIS A 253 -14.43 -7.78 -1.38
C HIS A 253 -14.31 -9.20 -0.85
N GLN A 254 -14.88 -10.19 -1.55
CA GLN A 254 -14.70 -11.57 -1.13
C GLN A 254 -13.25 -12.02 -1.30
N ILE A 255 -12.55 -11.48 -2.30
CA ILE A 255 -11.11 -11.73 -2.40
C ILE A 255 -10.37 -11.01 -1.28
N ILE A 256 -10.82 -9.81 -0.92
CA ILE A 256 -10.22 -9.07 0.19
C ILE A 256 -10.35 -9.87 1.48
N ALA A 257 -11.31 -10.78 1.56
CA ALA A 257 -11.49 -11.63 2.73
C ALA A 257 -10.40 -12.69 2.88
N ALA A 258 -9.32 -12.60 2.09
CA ALA A 258 -8.11 -13.37 2.34
C ALA A 258 -7.35 -12.87 3.56
N ASN A 259 -7.75 -11.72 4.13
CA ASN A 259 -7.11 -11.23 5.35
C ASN A 259 -7.33 -12.16 6.53
N VAL A 260 -8.50 -12.79 6.61
CA VAL A 260 -8.85 -13.61 7.77
C VAL A 260 -8.17 -14.96 7.68
N THR A 261 -7.34 -15.16 6.66
CA THR A 261 -6.62 -16.43 6.55
C THR A 261 -5.51 -16.54 7.59
N ARG A 262 -4.95 -15.40 8.01
CA ARG A 262 -3.84 -15.39 8.94
C ARG A 262 -4.04 -14.31 10.00
N ARG A 263 -3.57 -14.61 11.21
CA ARG A 263 -3.70 -13.71 12.34
C ARG A 263 -2.52 -12.73 12.35
N LYS A 264 -2.59 -11.71 13.21
CA LYS A 264 -1.47 -10.79 13.39
C LYS A 264 -1.31 -10.50 14.89
N ILE A 265 -0.07 -10.43 15.35
CA ILE A 265 0.26 -10.15 16.74
C ILE A 265 0.97 -8.81 16.77
N ARG A 266 0.51 -7.90 17.64
CA ARG A 266 0.99 -6.53 17.64
C ARG A 266 2.37 -6.37 18.26
N VAL A 267 2.77 -7.26 19.18
CA VAL A 267 4.03 -7.10 19.88
C VAL A 267 4.80 -8.41 19.89
N PHE A 268 6.12 -8.32 19.75
CA PHE A 268 6.99 -9.48 19.78
C PHE A 268 7.20 -9.92 21.23
N ALA A 269 8.11 -10.86 21.45
CA ALA A 269 8.34 -11.41 22.79
C ALA A 269 9.33 -10.57 23.58
N LEU A 270 9.11 -9.26 23.62
CA LEU A 270 9.91 -8.32 24.40
C LEU A 270 11.39 -8.42 24.07
N ALA A 271 12.23 -7.81 24.90
CA ALA A 271 13.67 -7.92 24.77
C ALA A 271 14.18 -9.07 25.65
N ALA A 272 15.49 -9.14 25.85
CA ALA A 272 16.05 -10.14 26.74
C ALA A 272 15.61 -9.87 28.17
N PRO A 273 15.85 -10.85 29.04
CA PRO A 273 15.45 -10.73 30.43
C PRO A 273 16.16 -9.55 31.10
N GLY A 274 15.38 -8.70 31.76
CA GLY A 274 15.96 -7.57 32.46
C GLY A 274 16.86 -8.02 33.61
N ASP A 275 16.39 -8.98 34.39
CA ASP A 275 17.16 -9.48 35.53
C ASP A 275 16.64 -10.86 35.91
N GLY A 276 17.56 -11.70 36.37
CA GLY A 276 17.25 -13.05 36.85
C GLY A 276 17.96 -13.29 38.19
N ASP A 277 17.84 -12.30 39.09
CA ASP A 277 18.49 -12.27 40.39
C ASP A 277 19.99 -12.03 40.25
N GLU A 278 20.56 -11.22 41.13
CA GLU A 278 21.96 -10.85 41.07
C GLU A 278 22.70 -11.38 42.29
N LEU A 279 24.03 -11.34 42.20
CA LEU A 279 24.88 -11.82 43.28
C LEU A 279 25.97 -10.79 43.57
N ASP A 280 26.37 -10.73 44.83
CA ASP A 280 27.44 -9.82 45.25
C ASP A 280 28.02 -10.34 46.54
N THR A 281 29.27 -10.82 46.49
CA THR A 281 29.94 -11.37 47.65
C THR A 281 31.44 -11.37 47.40
N GLU A 282 32.21 -11.64 48.45
CA GLU A 282 33.67 -11.63 48.39
C GLU A 282 34.20 -12.32 49.64
N ARG A 283 35.52 -12.20 49.83
CA ARG A 283 36.21 -12.67 51.04
C ARG A 283 36.15 -14.18 51.19
N HIS A 284 36.78 -14.71 52.23
CA HIS A 284 36.83 -16.14 52.51
C HIS A 284 35.81 -16.45 53.59
N VAL A 285 34.72 -17.11 53.19
CA VAL A 285 33.61 -17.44 54.10
C VAL A 285 32.87 -18.62 53.50
N VAL A 286 31.65 -18.87 53.99
CA VAL A 286 30.83 -19.93 53.43
C VAL A 286 30.53 -19.66 51.95
N ASP A 287 29.95 -20.66 51.29
CA ASP A 287 29.81 -20.62 49.84
C ASP A 287 28.97 -19.44 49.38
N ASP A 288 27.85 -19.20 50.05
CA ASP A 288 26.95 -18.12 49.66
C ASP A 288 26.68 -17.14 50.79
N VAL A 289 26.52 -17.62 52.02
CA VAL A 289 26.27 -16.74 53.15
C VAL A 289 27.59 -16.24 53.73
N ALA A 290 27.78 -14.93 53.74
CA ALA A 290 29.02 -14.33 54.22
C ALA A 290 29.08 -14.47 55.74
N ARG A 291 29.83 -15.46 56.21
CA ARG A 291 30.04 -15.70 57.64
C ARG A 291 28.69 -15.89 58.36
N GLY A 292 28.00 -16.96 57.98
CA GLY A 292 26.69 -17.25 58.56
C GLY A 292 26.82 -17.75 59.98
N ARG A 293 26.71 -16.83 60.95
CA ARG A 293 26.78 -17.16 62.37
C ARG A 293 25.77 -16.27 63.10
N HIS A 294 24.55 -16.77 63.26
CA HIS A 294 23.50 -16.06 63.98
C HIS A 294 22.96 -16.82 65.17
N SER A 295 22.85 -18.14 65.08
CA SER A 295 22.35 -18.95 66.19
C SER A 295 22.84 -20.38 66.07
#